data_6SLB
#
_entry.id   6SLB
#
_cell.length_a   88.024
_cell.length_b   88.024
_cell.length_c   88.024
_cell.angle_alpha   90.000
_cell.angle_beta   90.000
_cell.angle_gamma   90.000
#
_symmetry.space_group_name_H-M   'P 21 3'
#
loop_
_entity.id
_entity.type
_entity.pdbx_description
1 polymer 'Enoyl-CoA hydratase/carnithine racemase'
2 non-polymer '(~{E})-6-[2-[3-[[(2~{R})-4-[[[(2~{R},3~{S},4~{R},5~{R})-5-(6-aminopurin-9-yl)-4-oxidanyl-3-phosphonooxy-oxolan-2-yl]methoxy-oxidanyl-phosphoryl]oxy-oxidanyl-phosphoryl]oxy-3,3-dimethyl-2-oxidanyl-butanoyl]amino]propanoylamino]ethylsulfanyl]-6-oxidanylidene-hex-3-enoic acid'
3 water water
#
_entity_poly.entity_id   1
_entity_poly.type   'polypeptide(L)'
_entity_poly.pdbx_seq_one_letter_code
;NIGMILKERQDGVLVLTLNRPEKLNAITGELLDALYAALKEGEEDREVRALLLTGAGRAFSAGQDLTEFGDRKPDYEAHL
RRYNRVVEALSGLEKPLVVAVNGVAAGAGMSLALWGDLRLAAVGASFTTAFVRIGLVPDSGLSFLLPRLVGLAKAQELLL
LSPRLSAEEALALGLVHRVVPAEKLMEEALSLAKELAQGPTRAYALTKKLLLETYRLSLTEALALEAVLQGQAGQTQDHE
EGVRAFREKRPPRFQGR
;
_entity_poly.pdbx_strand_id   AAA
#
loop_
_chem_comp.id
_chem_comp.type
_chem_comp.name
_chem_comp.formula
T3D non-polymer '(~{E})-6-[2-[3-[[(2~{R})-4-[[[(2~{R},3~{S},4~{R},5~{R})-5-(6-aminopurin-9-yl)-4-oxidanyl-3-phosphonooxy-oxolan-2-yl]methoxy-oxidanyl-phosphoryl]oxy-oxidanyl-phosphoryl]oxy-3,3-dimethyl-2-oxidanyl-butanoyl]amino]propanoylamino]ethylsulfanyl]-6-oxidanylidene-hex-3-enoic acid' 'C27 H42 N7 O19 P3 S'
#
# COMPACT_ATOMS: atom_id res chain seq x y z
N ASN A 1 13.12 8.38 -15.82
CA ASN A 1 13.88 7.10 -15.72
C ASN A 1 13.07 6.00 -16.40
N ILE A 2 13.75 5.06 -17.05
CA ILE A 2 13.08 3.95 -17.79
C ILE A 2 12.32 3.14 -16.73
N GLY A 3 11.02 2.95 -16.95
CA GLY A 3 10.13 2.20 -16.06
C GLY A 3 9.38 3.14 -15.14
N MET A 4 9.92 4.32 -14.84
CA MET A 4 9.27 5.44 -14.12
C MET A 4 9.08 5.10 -12.64
N ILE A 5 9.88 4.20 -12.07
CA ILE A 5 9.89 3.91 -10.60
C ILE A 5 11.31 4.17 -10.11
N LEU A 6 11.50 5.19 -9.28
CA LEU A 6 12.78 5.46 -8.62
C LEU A 6 12.90 4.55 -7.41
N LYS A 7 14.12 4.09 -7.14
CA LYS A 7 14.43 3.09 -6.09
C LYS A 7 15.61 3.63 -5.32
N GLU A 8 15.49 3.66 -4.00
CA GLU A 8 16.57 4.12 -3.09
C GLU A 8 16.48 3.31 -1.81
N ARG A 9 17.60 2.84 -1.28
CA ARG A 9 17.61 2.15 0.04
C ARG A 9 18.17 3.09 1.10
N GLN A 10 17.54 3.11 2.28
CA GLN A 10 18.07 3.76 3.51
C GLN A 10 17.72 2.89 4.74
N ASP A 11 18.68 2.54 5.61
CA ASP A 11 18.45 2.02 6.99
C ASP A 11 17.32 0.97 7.03
N GLY A 12 17.36 0.00 6.12
CA GLY A 12 16.38 -1.10 6.13
C GLY A 12 15.12 -0.82 5.31
N VAL A 13 15.02 0.36 4.73
CA VAL A 13 13.82 0.81 3.97
C VAL A 13 14.15 0.93 2.48
N LEU A 14 13.41 0.24 1.62
CA LEU A 14 13.37 0.51 0.18
C LEU A 14 12.34 1.61 -0.10
N VAL A 15 12.81 2.77 -0.58
CA VAL A 15 11.94 3.93 -0.97
C VAL A 15 11.66 3.84 -2.48
N LEU A 16 10.38 3.64 -2.83
CA LEU A 16 9.88 3.61 -4.22
C LEU A 16 9.09 4.89 -4.50
N THR A 17 9.41 5.56 -5.60
CA THR A 17 8.78 6.85 -5.99
C THR A 17 8.23 6.68 -7.39
N LEU A 18 6.92 6.84 -7.55
CA LEU A 18 6.25 6.89 -8.87
C LEU A 18 6.82 8.11 -9.59
N ASN A 19 7.33 7.96 -10.81
CA ASN A 19 8.16 9.03 -11.41
C ASN A 19 7.73 9.33 -12.83
N ARG A 20 6.54 9.91 -12.98
CA ARG A 20 6.05 10.49 -14.25
C ARG A 20 5.40 11.84 -13.93
N PRO A 21 6.12 12.73 -13.20
CA PRO A 21 5.54 13.91 -12.56
C PRO A 21 4.82 14.81 -13.57
N GLU A 22 5.26 14.78 -14.82
CA GLU A 22 4.71 15.61 -15.92
C GLU A 22 3.31 15.11 -16.26
N LYS A 23 2.95 13.85 -15.96
CA LYS A 23 1.60 13.30 -16.24
C LYS A 23 0.94 12.90 -14.91
N LEU A 24 1.35 13.54 -13.80
CA LEU A 24 0.81 13.32 -12.44
C LEU A 24 0.93 11.83 -12.08
N ASN A 25 2.02 11.20 -12.51
CA ASN A 25 2.34 9.78 -12.23
C ASN A 25 1.20 8.89 -12.73
N ALA A 26 0.62 9.25 -13.87
CA ALA A 26 -0.43 8.44 -14.54
C ALA A 26 0.14 7.07 -14.86
N ILE A 27 -0.65 6.03 -14.61
CA ILE A 27 -0.22 4.62 -14.63
C ILE A 27 -0.28 4.09 -16.08
N THR A 28 0.80 3.45 -16.49
CA THR A 28 0.87 2.66 -17.75
C THR A 28 1.33 1.23 -17.45
N GLY A 29 1.14 0.32 -18.40
CA GLY A 29 1.61 -1.06 -18.26
C GLY A 29 3.09 -1.08 -17.94
N GLU A 30 3.85 -0.22 -18.59
CA GLU A 30 5.30 -0.10 -18.35
C GLU A 30 5.56 0.27 -16.89
N LEU A 31 4.87 1.29 -16.36
CA LEU A 31 5.07 1.69 -14.94
C LEU A 31 4.75 0.50 -14.02
N LEU A 32 3.67 -0.23 -14.28
CA LEU A 32 3.21 -1.39 -13.47
C LEU A 32 4.27 -2.50 -13.48
N ASP A 33 4.81 -2.83 -14.66
CA ASP A 33 5.91 -3.82 -14.71
C ASP A 33 7.07 -3.34 -13.83
N ALA A 34 7.47 -2.06 -13.88
CA ALA A 34 8.60 -1.52 -13.12
C ALA A 34 8.30 -1.61 -11.61
N LEU A 35 7.05 -1.38 -11.24
CA LEU A 35 6.65 -1.37 -9.81
C LEU A 35 6.67 -2.82 -9.29
N TYR A 36 6.12 -3.75 -10.07
CA TYR A 36 6.19 -5.20 -9.77
C TYR A 36 7.65 -5.60 -9.52
N ALA A 37 8.55 -5.20 -10.45
CA ALA A 37 9.98 -5.58 -10.40
C ALA A 37 10.60 -5.04 -9.11
N ALA A 38 10.28 -3.79 -8.76
CA ALA A 38 10.79 -3.12 -7.57
C ALA A 38 10.26 -3.79 -6.28
N LEU A 39 8.98 -4.12 -6.21
CA LEU A 39 8.39 -4.82 -5.05
C LEU A 39 9.08 -6.19 -4.89
N LYS A 40 9.31 -6.89 -6.00
CA LYS A 40 9.95 -8.24 -5.99
C LYS A 40 11.35 -8.11 -5.40
N GLU A 41 12.12 -7.12 -5.83
CA GLU A 41 13.49 -6.85 -5.36
C GLU A 41 13.49 -6.50 -3.89
N GLY A 42 12.55 -5.66 -3.47
CA GLY A 42 12.49 -5.23 -2.07
C GLY A 42 12.29 -6.42 -1.16
N GLU A 43 11.40 -7.31 -1.59
CA GLU A 43 10.98 -8.49 -0.82
C GLU A 43 12.13 -9.50 -0.76
N GLU A 44 12.87 -9.65 -1.86
CA GLU A 44 14.04 -10.56 -1.99
C GLU A 44 15.25 -9.99 -1.26
N ASP A 45 15.39 -8.67 -1.11
CA ASP A 45 16.63 -8.05 -0.53
C ASP A 45 16.64 -8.22 0.99
N ARG A 46 17.57 -9.03 1.51
CA ARG A 46 17.59 -9.36 2.96
C ARG A 46 18.03 -8.14 3.76
N GLU A 47 18.54 -7.10 3.09
CA GLU A 47 18.90 -5.80 3.72
C GLU A 47 17.65 -4.91 3.85
N VAL A 48 16.50 -5.33 3.29
CA VAL A 48 15.23 -4.52 3.33
C VAL A 48 14.24 -5.21 4.26
N ARG A 49 13.73 -4.48 5.26
CA ARG A 49 12.70 -4.96 6.23
C ARG A 49 11.38 -4.17 6.09
N ALA A 50 11.32 -3.10 5.29
CA ALA A 50 10.14 -2.22 5.10
C ALA A 50 10.25 -1.48 3.76
N LEU A 51 9.10 -1.15 3.17
CA LEU A 51 9.00 -0.40 1.89
C LEU A 51 8.24 0.90 2.18
N LEU A 52 8.58 1.97 1.46
CA LEU A 52 7.86 3.26 1.49
C LEU A 52 7.57 3.61 0.05
N LEU A 53 6.31 3.89 -0.27
CA LEU A 53 5.88 4.25 -1.63
C LEU A 53 5.34 5.68 -1.59
N THR A 54 5.77 6.48 -2.56
CA THR A 54 5.35 7.90 -2.69
C THR A 54 5.38 8.30 -4.17
N GLY A 55 4.96 9.52 -4.43
CA GLY A 55 4.93 10.09 -5.78
C GLY A 55 5.92 11.22 -5.94
N ALA A 56 6.44 11.38 -7.16
CA ALA A 56 7.25 12.55 -7.56
C ALA A 56 6.33 13.70 -7.93
N GLY A 57 6.73 14.93 -7.59
CA GLY A 57 6.01 16.12 -8.05
C GLY A 57 4.73 16.35 -7.25
N ARG A 58 3.74 16.93 -7.93
CA ARG A 58 2.49 17.52 -7.38
C ARG A 58 1.55 16.42 -6.85
N ALA A 59 1.51 15.30 -7.59
CA ALA A 59 0.52 14.21 -7.42
C ALA A 59 1.15 12.96 -6.80
N PHE A 60 0.33 12.16 -6.15
CA PHE A 60 0.70 10.77 -5.84
C PHE A 60 0.55 9.98 -7.15
N SER A 61 -0.68 9.87 -7.65
CA SER A 61 -0.97 9.31 -8.98
C SER A 61 -2.39 9.66 -9.40
N ALA A 62 -2.57 10.11 -10.63
CA ALA A 62 -3.88 10.40 -11.25
C ALA A 62 -4.51 9.12 -11.79
N GLY A 63 -3.89 7.96 -11.56
CA GLY A 63 -4.46 6.68 -11.98
C GLY A 63 -4.12 6.39 -13.43
N GLN A 64 -4.90 5.54 -14.07
CA GLN A 64 -4.63 5.06 -15.46
C GLN A 64 -4.40 6.27 -16.38
N ASP A 65 -3.37 6.19 -17.19
CA ASP A 65 -3.10 7.19 -18.26
C ASP A 65 -4.16 7.03 -19.35
N LEU A 66 -5.07 7.99 -19.40
CA LEU A 66 -6.24 7.99 -20.32
C LEU A 66 -5.81 8.43 -21.74
N THR A 67 -4.49 8.46 -22.02
CA THR A 67 -3.91 8.50 -23.40
C THR A 67 -3.29 7.15 -23.81
N GLU A 68 -2.95 6.23 -22.88
CA GLU A 68 -2.21 4.96 -23.17
C GLU A 68 -2.96 4.11 -24.22
N PHE A 69 -4.29 4.10 -24.22
CA PHE A 69 -5.15 3.22 -25.08
C PHE A 69 -5.79 4.06 -26.19
N GLY A 70 -5.46 3.74 -27.45
CA GLY A 70 -5.70 4.60 -28.62
C GLY A 70 -6.95 4.22 -29.39
N ASP A 71 -8.13 4.62 -28.88
CA ASP A 71 -9.42 4.67 -29.61
C ASP A 71 -9.89 3.27 -30.05
N ARG A 72 -9.11 2.22 -29.75
CA ARG A 72 -9.43 0.82 -30.15
C ARG A 72 -10.47 0.26 -29.17
N LYS A 73 -11.21 -0.79 -29.58
CA LYS A 73 -12.12 -1.56 -28.69
C LYS A 73 -11.32 -2.01 -27.46
N PRO A 74 -11.51 -1.39 -26.27
CA PRO A 74 -10.69 -1.71 -25.11
C PRO A 74 -11.05 -3.09 -24.57
N ASP A 75 -10.02 -3.85 -24.16
CA ASP A 75 -10.14 -5.17 -23.52
C ASP A 75 -9.58 -5.05 -22.11
N TYR A 76 -10.39 -4.50 -21.20
CA TYR A 76 -9.99 -4.26 -19.79
C TYR A 76 -9.87 -5.58 -19.03
N GLU A 77 -10.66 -6.59 -19.40
CA GLU A 77 -10.55 -7.92 -18.72
C GLU A 77 -9.11 -8.44 -18.88
N ALA A 78 -8.58 -8.30 -20.10
CA ALA A 78 -7.24 -8.78 -20.51
C ALA A 78 -6.17 -7.97 -19.78
N HIS A 79 -6.23 -6.65 -19.92
CA HIS A 79 -5.26 -5.66 -19.39
C HIS A 79 -5.20 -5.77 -17.86
N LEU A 80 -6.35 -5.93 -17.20
CA LEU A 80 -6.35 -5.91 -15.71
C LEU A 80 -5.53 -7.07 -15.16
N ARG A 81 -5.43 -8.20 -15.88
CA ARG A 81 -4.36 -9.21 -15.63
C ARG A 81 -3.02 -8.55 -15.99
N ARG A 82 -2.52 -7.70 -15.09
CA ARG A 82 -1.39 -6.75 -15.21
C ARG A 82 -1.42 -5.72 -14.06
N TYR A 83 -2.46 -4.88 -13.98
CA TYR A 83 -2.87 -4.25 -12.69
C TYR A 83 -2.96 -5.36 -11.64
N ASN A 84 -3.29 -6.60 -12.06
CA ASN A 84 -3.72 -7.64 -11.10
C ASN A 84 -2.49 -8.26 -10.45
N ARG A 85 -1.42 -8.64 -11.17
CA ARG A 85 -0.22 -9.22 -10.50
C ARG A 85 0.42 -8.16 -9.60
N VAL A 86 0.33 -6.89 -9.95
CA VAL A 86 0.87 -5.79 -9.11
C VAL A 86 0.12 -5.72 -7.78
N VAL A 87 -1.21 -5.76 -7.85
CA VAL A 87 -2.09 -5.78 -6.65
C VAL A 87 -1.83 -7.06 -5.87
N GLU A 88 -1.73 -8.21 -6.56
CA GLU A 88 -1.40 -9.49 -5.88
C GLU A 88 -0.10 -9.30 -5.10
N ALA A 89 0.95 -8.73 -5.72
CA ALA A 89 2.29 -8.51 -5.11
C ALA A 89 2.18 -7.57 -3.90
N LEU A 90 1.45 -6.46 -4.04
CA LEU A 90 1.22 -5.52 -2.92
C LEU A 90 0.52 -6.20 -1.74
N SER A 91 -0.55 -6.94 -2.03
CA SER A 91 -1.46 -7.54 -1.03
C SER A 91 -0.70 -8.58 -0.21
N GLY A 92 0.26 -9.30 -0.82
CA GLY A 92 0.92 -10.46 -0.23
C GLY A 92 2.31 -10.14 0.24
N LEU A 93 2.73 -8.89 0.09
CA LEU A 93 4.10 -8.43 0.44
C LEU A 93 4.46 -8.91 1.84
N GLU A 94 5.63 -9.51 2.03
CA GLU A 94 5.99 -10.17 3.30
C GLU A 94 6.83 -9.19 4.12
N LYS A 95 6.74 -7.90 3.82
CA LYS A 95 7.35 -6.80 4.61
C LYS A 95 6.31 -5.67 4.70
N PRO A 96 6.34 -4.85 5.75
CA PRO A 96 5.39 -3.75 5.89
C PRO A 96 5.65 -2.66 4.84
N LEU A 97 4.57 -2.05 4.38
CA LEU A 97 4.54 -0.98 3.35
C LEU A 97 3.96 0.27 4.01
N VAL A 98 4.74 1.34 4.03
CA VAL A 98 4.21 2.71 4.32
C VAL A 98 3.91 3.38 2.98
N VAL A 99 2.77 4.07 2.89
CA VAL A 99 2.46 4.96 1.74
C VAL A 99 2.47 6.42 2.23
N ALA A 100 3.18 7.28 1.51
CA ALA A 100 3.21 8.75 1.73
C ALA A 100 2.48 9.41 0.57
N VAL A 101 1.25 9.84 0.81
CA VAL A 101 0.42 10.39 -0.27
C VAL A 101 0.70 11.89 -0.33
N ASN A 102 1.58 12.27 -1.25
CA ASN A 102 2.15 13.66 -1.35
C ASN A 102 1.17 14.58 -2.10
N GLY A 103 0.21 14.04 -2.84
CA GLY A 103 -0.75 14.85 -3.61
C GLY A 103 -1.94 14.03 -4.02
N VAL A 104 -2.59 14.41 -5.12
CA VAL A 104 -3.85 13.72 -5.51
C VAL A 104 -3.56 12.26 -5.80
N ALA A 105 -4.47 11.41 -5.33
CA ALA A 105 -4.52 9.98 -5.67
C ALA A 105 -5.92 9.73 -6.19
N ALA A 106 -6.04 9.40 -7.48
CA ALA A 106 -7.31 9.24 -8.19
C ALA A 106 -7.34 7.88 -8.87
N GLY A 107 -8.51 7.26 -8.94
CA GLY A 107 -8.67 5.99 -9.68
C GLY A 107 -7.73 4.92 -9.15
N ALA A 108 -7.00 4.24 -10.04
CA ALA A 108 -6.01 3.23 -9.64
C ALA A 108 -4.90 3.86 -8.79
N GLY A 109 -4.65 5.16 -8.86
CA GLY A 109 -3.69 5.84 -7.96
C GLY A 109 -4.18 5.79 -6.51
N MET A 110 -5.47 6.03 -6.32
CA MET A 110 -6.11 5.84 -4.98
C MET A 110 -6.05 4.35 -4.59
N SER A 111 -6.36 3.40 -5.50
CA SER A 111 -6.24 1.95 -5.22
C SER A 111 -4.83 1.66 -4.67
N LEU A 112 -3.78 2.07 -5.39
CA LEU A 112 -2.38 1.80 -4.99
C LEU A 112 -2.10 2.39 -3.61
N ALA A 113 -2.47 3.62 -3.36
CA ALA A 113 -2.17 4.30 -2.08
C ALA A 113 -2.80 3.49 -0.94
N LEU A 114 -3.99 2.92 -1.15
CA LEU A 114 -4.78 2.29 -0.04
C LEU A 114 -4.22 0.91 0.29
N TRP A 115 -3.33 0.36 -0.56
CA TRP A 115 -2.62 -0.90 -0.26
C TRP A 115 -1.50 -0.71 0.79
N GLY A 116 -1.13 0.51 1.15
CA GLY A 116 -0.23 0.74 2.28
C GLY A 116 -0.77 0.09 3.55
N ASP A 117 0.08 -0.51 4.39
CA ASP A 117 -0.30 -0.96 5.75
C ASP A 117 -0.52 0.23 6.67
N LEU A 118 0.38 1.20 6.58
CA LEU A 118 0.25 2.50 7.30
C LEU A 118 0.33 3.60 6.23
N ARG A 119 -0.59 4.56 6.29
CA ARG A 119 -0.76 5.56 5.23
C ARG A 119 -0.71 6.95 5.87
N LEU A 120 0.15 7.80 5.35
CA LEU A 120 0.27 9.22 5.76
C LEU A 120 -0.09 10.07 4.55
N ALA A 121 -0.69 11.22 4.77
CA ALA A 121 -0.96 12.17 3.66
C ALA A 121 -0.36 13.54 4.01
N ALA A 122 0.09 14.26 3.00
CA ALA A 122 0.45 15.69 3.13
C ALA A 122 -0.83 16.52 3.28
N VAL A 123 -0.79 17.58 4.08
CA VAL A 123 -1.84 18.63 4.01
C VAL A 123 -1.90 19.04 2.54
N GLY A 124 -3.06 19.13 1.92
CA GLY A 124 -3.13 19.53 0.51
C GLY A 124 -3.27 18.34 -0.41
N ALA A 125 -2.97 17.14 0.06
CA ALA A 125 -3.24 15.92 -0.71
C ALA A 125 -4.75 15.71 -0.77
N SER A 126 -5.18 14.80 -1.65
CA SER A 126 -6.61 14.60 -1.97
C SER A 126 -6.80 13.19 -2.54
N PHE A 127 -8.01 12.65 -2.38
CA PHE A 127 -8.41 11.32 -2.90
C PHE A 127 -9.68 11.49 -3.70
N THR A 128 -9.77 10.80 -4.82
CA THR A 128 -11.03 10.72 -5.60
C THR A 128 -11.07 9.36 -6.30
N THR A 129 -12.19 8.68 -6.18
CA THR A 129 -12.33 7.33 -6.77
C THR A 129 -12.18 7.44 -8.29
N ALA A 130 -12.83 8.41 -8.95
CA ALA A 130 -12.59 8.78 -10.36
C ALA A 130 -13.24 7.83 -11.38
N PHE A 131 -13.22 6.51 -11.16
CA PHE A 131 -13.63 5.51 -12.20
C PHE A 131 -15.01 5.85 -12.78
N VAL A 132 -15.97 6.18 -11.92
CA VAL A 132 -17.38 6.36 -12.36
C VAL A 132 -17.46 7.56 -13.32
N ARG A 133 -16.59 8.57 -13.19
CA ARG A 133 -16.61 9.73 -14.13
C ARG A 133 -16.18 9.33 -15.54
N ILE A 134 -15.51 8.18 -15.73
CA ILE A 134 -15.08 7.65 -17.07
C ILE A 134 -16.03 6.52 -17.46
N GLY A 135 -17.08 6.27 -16.67
CA GLY A 135 -18.04 5.18 -16.95
C GLY A 135 -17.48 3.81 -16.64
N LEU A 136 -16.53 3.71 -15.70
CA LEU A 136 -15.87 2.44 -15.31
C LEU A 136 -16.20 2.12 -13.85
N VAL A 137 -15.85 0.90 -13.45
CA VAL A 137 -16.06 0.39 -12.08
C VAL A 137 -14.73 0.51 -11.35
N PRO A 138 -14.71 0.47 -10.01
CA PRO A 138 -13.45 0.52 -9.27
C PRO A 138 -12.67 -0.77 -9.56
N ASP A 139 -11.36 -0.64 -9.76
CA ASP A 139 -10.48 -1.78 -10.07
C ASP A 139 -9.21 -1.66 -9.24
N SER A 140 -8.25 -2.53 -9.53
CA SER A 140 -6.97 -2.60 -8.80
C SER A 140 -7.23 -2.77 -7.32
N GLY A 141 -8.27 -3.55 -6.99
CA GLY A 141 -8.60 -3.94 -5.62
C GLY A 141 -9.34 -2.86 -4.88
N LEU A 142 -9.78 -1.77 -5.54
CA LEU A 142 -10.49 -0.69 -4.80
C LEU A 142 -11.85 -1.19 -4.31
N SER A 143 -12.56 -2.04 -5.06
CA SER A 143 -13.88 -2.58 -4.64
C SER A 143 -13.71 -3.53 -3.45
N PHE A 144 -12.53 -4.14 -3.28
CA PHE A 144 -12.16 -4.97 -2.11
C PHE A 144 -11.78 -4.06 -0.90
N LEU A 145 -10.83 -3.15 -1.09
CA LEU A 145 -10.24 -2.37 0.03
C LEU A 145 -11.24 -1.35 0.58
N LEU A 146 -11.91 -0.58 -0.27
CA LEU A 146 -12.62 0.63 0.19
C LEU A 146 -13.71 0.30 1.23
N PRO A 147 -14.65 -0.65 1.02
CA PRO A 147 -15.66 -0.94 2.03
C PRO A 147 -15.04 -1.48 3.33
N ARG A 148 -13.97 -2.25 3.24
CA ARG A 148 -13.23 -2.76 4.43
C ARG A 148 -12.65 -1.58 5.20
N LEU A 149 -12.04 -0.62 4.51
CA LEU A 149 -11.36 0.56 5.13
C LEU A 149 -12.34 1.57 5.71
N VAL A 150 -13.44 1.93 4.99
CA VAL A 150 -14.29 3.09 5.38
C VAL A 150 -15.74 2.63 5.67
N GLY A 151 -16.03 1.34 5.60
CA GLY A 151 -17.39 0.81 5.77
C GLY A 151 -18.17 0.95 4.46
N LEU A 152 -19.24 0.21 4.31
CA LEU A 152 -20.01 0.21 3.04
C LEU A 152 -20.70 1.55 2.81
N ALA A 153 -21.21 2.24 3.82
CA ALA A 153 -21.96 3.50 3.61
C ALA A 153 -21.06 4.54 2.94
N LYS A 154 -19.87 4.74 3.47
CA LYS A 154 -18.95 5.73 2.85
C LYS A 154 -18.45 5.22 1.49
N ALA A 155 -18.17 3.92 1.31
CA ALA A 155 -17.69 3.35 0.03
C ALA A 155 -18.72 3.63 -1.07
N GLN A 156 -20.01 3.48 -0.76
CA GLN A 156 -21.11 3.73 -1.76
C GLN A 156 -21.05 5.18 -2.26
N GLU A 157 -20.99 6.12 -1.32
CA GLU A 157 -20.97 7.57 -1.63
C GLU A 157 -19.69 7.91 -2.40
N LEU A 158 -18.54 7.44 -1.91
CA LEU A 158 -17.25 7.79 -2.55
C LEU A 158 -17.19 7.24 -3.99
N LEU A 159 -17.72 6.06 -4.24
CA LEU A 159 -17.59 5.37 -5.53
C LEU A 159 -18.65 5.90 -6.50
N LEU A 160 -19.91 6.04 -6.06
CA LEU A 160 -21.03 6.44 -6.95
C LEU A 160 -20.96 7.92 -7.33
N LEU A 161 -20.52 8.80 -6.41
CA LEU A 161 -20.53 10.25 -6.61
C LEU A 161 -19.11 10.77 -6.91
N SER A 162 -18.06 9.99 -6.67
CA SER A 162 -16.66 10.39 -6.90
C SER A 162 -16.38 11.82 -6.43
N PRO A 163 -16.67 12.18 -5.16
CA PRO A 163 -16.24 13.45 -4.60
C PRO A 163 -14.72 13.45 -4.43
N ARG A 164 -14.17 14.64 -4.34
CA ARG A 164 -12.76 14.88 -4.02
C ARG A 164 -12.68 15.02 -2.49
N LEU A 165 -11.88 14.21 -1.84
CA LEU A 165 -11.71 14.25 -0.38
C LEU A 165 -10.41 14.96 -0.05
N SER A 166 -10.44 15.89 0.91
CA SER A 166 -9.22 16.54 1.43
C SER A 166 -8.45 15.51 2.25
N ALA A 167 -7.21 15.81 2.61
CA ALA A 167 -6.44 14.92 3.49
C ALA A 167 -7.14 14.83 4.84
N GLU A 168 -7.70 15.93 5.36
CA GLU A 168 -8.35 15.87 6.71
C GLU A 168 -9.61 15.00 6.64
N GLU A 169 -10.37 15.07 5.55
CA GLU A 169 -11.58 14.22 5.34
C GLU A 169 -11.13 12.75 5.26
N ALA A 170 -10.01 12.50 4.59
CA ALA A 170 -9.45 11.14 4.40
C ALA A 170 -9.09 10.59 5.76
N LEU A 171 -8.45 11.42 6.59
CA LEU A 171 -8.08 11.05 7.98
C LEU A 171 -9.34 10.61 8.73
N ALA A 172 -10.39 11.43 8.68
CA ALA A 172 -11.68 11.13 9.36
C ALA A 172 -12.17 9.75 8.92
N LEU A 173 -12.06 9.37 7.65
CA LEU A 173 -12.74 8.14 7.13
C LEU A 173 -11.88 6.90 7.39
N GLY A 174 -10.57 7.07 7.61
CA GLY A 174 -9.62 5.94 7.70
C GLY A 174 -8.88 5.68 6.40
N LEU A 175 -9.01 6.55 5.42
CA LEU A 175 -8.21 6.40 4.17
C LEU A 175 -6.73 6.59 4.51
N VAL A 176 -6.42 7.46 5.46
CA VAL A 176 -5.04 7.59 5.96
C VAL A 176 -5.09 7.53 7.46
N HIS A 177 -3.92 7.32 8.06
CA HIS A 177 -3.70 7.20 9.51
C HIS A 177 -3.17 8.51 10.10
N ARG A 178 -2.55 9.35 9.31
CA ARG A 178 -1.89 10.58 9.80
C ARG A 178 -1.88 11.61 8.69
N VAL A 179 -2.07 12.89 9.02
CA VAL A 179 -1.88 13.99 8.06
C VAL A 179 -0.74 14.88 8.58
N VAL A 180 0.21 15.25 7.73
CA VAL A 180 1.37 16.08 8.17
C VAL A 180 1.61 17.17 7.13
N PRO A 181 2.25 18.28 7.51
CA PRO A 181 2.56 19.32 6.54
C PRO A 181 3.40 18.74 5.40
N ALA A 182 3.21 19.25 4.19
CA ALA A 182 3.83 18.75 2.94
C ALA A 182 5.35 18.67 3.08
N GLU A 183 5.96 19.66 3.73
CA GLU A 183 7.44 19.74 3.84
C GLU A 183 7.97 18.71 4.85
N LYS A 184 7.13 18.14 5.71
CA LYS A 184 7.51 17.11 6.71
C LYS A 184 7.08 15.68 6.30
N LEU A 185 6.28 15.53 5.23
CA LEU A 185 5.70 14.21 4.87
C LEU A 185 6.80 13.14 4.72
N MET A 186 7.85 13.38 3.94
CA MET A 186 8.84 12.29 3.66
C MET A 186 9.65 11.98 4.91
N GLU A 187 9.95 12.99 5.75
CA GLU A 187 10.67 12.79 7.04
C GLU A 187 9.86 11.91 7.97
N GLU A 188 8.58 12.20 8.15
CA GLU A 188 7.69 11.45 9.05
C GLU A 188 7.50 10.03 8.49
N ALA A 189 7.25 9.90 7.21
CA ALA A 189 6.96 8.58 6.60
C ALA A 189 8.22 7.74 6.68
N LEU A 190 9.39 8.36 6.46
CA LEU A 190 10.67 7.59 6.46
C LEU A 190 10.97 7.16 7.89
N SER A 191 10.72 8.05 8.85
CA SER A 191 10.84 7.79 10.29
C SER A 191 9.98 6.58 10.67
N LEU A 192 8.73 6.53 10.19
CA LEU A 192 7.82 5.40 10.55
C LEU A 192 8.35 4.13 9.87
N ALA A 193 8.77 4.21 8.60
CA ALA A 193 9.23 3.02 7.84
C ALA A 193 10.50 2.47 8.50
N LYS A 194 11.37 3.35 9.00
CA LYS A 194 12.63 2.88 9.68
C LYS A 194 12.24 2.18 10.98
N GLU A 195 11.24 2.69 11.70
CA GLU A 195 10.67 2.04 12.90
C GLU A 195 10.21 0.62 12.55
N LEU A 196 9.38 0.47 11.54
CA LEU A 196 8.89 -0.86 11.12
C LEU A 196 10.05 -1.74 10.65
N ALA A 197 11.11 -1.17 10.06
CA ALA A 197 12.28 -1.93 9.56
C ALA A 197 13.10 -2.49 10.74
N GLN A 198 12.81 -2.10 11.97
CA GLN A 198 13.43 -2.72 13.18
C GLN A 198 12.46 -3.72 13.80
N GLY A 199 11.27 -3.84 13.22
CA GLY A 199 10.15 -4.61 13.80
C GLY A 199 10.25 -6.09 13.47
N PRO A 200 9.33 -6.87 14.06
CA PRO A 200 9.24 -8.30 13.81
C PRO A 200 8.59 -8.58 12.45
N THR A 201 9.43 -8.54 11.43
CA THR A 201 8.99 -8.59 10.02
C THR A 201 8.10 -9.81 9.79
N ARG A 202 8.40 -10.96 10.41
CA ARG A 202 7.60 -12.18 10.13
C ARG A 202 6.20 -11.98 10.72
N ALA A 203 6.09 -11.40 11.92
CA ALA A 203 4.78 -11.15 12.57
C ALA A 203 3.95 -10.17 11.72
N TYR A 204 4.61 -9.17 11.13
CA TYR A 204 3.94 -8.19 10.25
C TYR A 204 3.36 -8.91 9.03
N ALA A 205 4.17 -9.72 8.36
CA ALA A 205 3.80 -10.47 7.13
C ALA A 205 2.59 -11.39 7.42
N LEU A 206 2.64 -12.17 8.49
CA LEU A 206 1.58 -13.15 8.82
C LEU A 206 0.32 -12.42 9.30
N THR A 207 0.48 -11.32 10.04
CA THR A 207 -0.66 -10.47 10.47
C THR A 207 -1.38 -9.94 9.22
N LYS A 208 -0.63 -9.49 8.22
CA LYS A 208 -1.19 -9.00 6.94
C LYS A 208 -2.00 -10.12 6.25
N LYS A 209 -1.52 -11.37 6.30
CA LYS A 209 -2.23 -12.52 5.67
C LYS A 209 -3.56 -12.73 6.39
N LEU A 210 -3.60 -12.68 7.73
CA LEU A 210 -4.86 -12.84 8.48
C LEU A 210 -5.85 -11.75 8.11
N LEU A 211 -5.41 -10.49 8.06
CA LEU A 211 -6.27 -9.33 7.72
C LEU A 211 -6.84 -9.47 6.32
N LEU A 212 -6.03 -9.90 5.34
CA LEU A 212 -6.49 -10.08 3.94
C LEU A 212 -7.64 -11.10 3.84
N GLU A 213 -7.59 -12.17 4.64
CA GLU A 213 -8.53 -13.32 4.58
C GLU A 213 -9.73 -13.18 5.53
N THR A 214 -9.67 -12.29 6.52
CA THR A 214 -10.59 -12.28 7.68
C THR A 214 -12.08 -12.28 7.27
N TYR A 215 -12.51 -11.45 6.31
CA TYR A 215 -13.96 -11.28 6.02
C TYR A 215 -14.56 -12.52 5.35
N ARG A 216 -13.82 -13.28 4.54
CA ARG A 216 -14.42 -14.43 3.83
C ARG A 216 -14.43 -15.71 4.68
N LEU A 217 -13.76 -15.75 5.84
CA LEU A 217 -13.67 -16.98 6.68
C LEU A 217 -14.81 -17.03 7.69
N SER A 218 -15.25 -18.25 7.97
CA SER A 218 -16.03 -18.56 9.19
C SER A 218 -15.11 -18.33 10.41
N LEU A 219 -15.70 -18.13 11.57
CA LEU A 219 -14.94 -18.07 12.82
C LEU A 219 -14.10 -19.36 12.96
N THR A 220 -14.67 -20.52 12.69
CA THR A 220 -13.91 -21.81 12.79
C THR A 220 -12.68 -21.76 11.88
N GLU A 221 -12.83 -21.37 10.62
CA GLU A 221 -11.72 -21.26 9.63
C GLU A 221 -10.70 -20.20 10.12
N ALA A 222 -11.17 -19.07 10.65
CA ALA A 222 -10.30 -17.97 11.12
C ALA A 222 -9.43 -18.47 12.28
N LEU A 223 -10.03 -19.20 13.23
CA LEU A 223 -9.28 -19.75 14.39
C LEU A 223 -8.24 -20.77 13.92
N ALA A 224 -8.58 -21.62 12.94
CA ALA A 224 -7.66 -22.58 12.33
C ALA A 224 -6.49 -21.86 11.68
N LEU A 225 -6.73 -20.78 10.92
CA LEU A 225 -5.61 -20.08 10.25
C LEU A 225 -4.76 -19.36 11.30
N GLU A 226 -5.38 -18.77 12.31
CA GLU A 226 -4.65 -18.12 13.42
C GLU A 226 -3.69 -19.16 14.03
N ALA A 227 -4.20 -20.36 14.32
CA ALA A 227 -3.43 -21.48 14.91
C ALA A 227 -2.21 -21.78 14.02
N VAL A 228 -2.45 -21.89 12.71
CA VAL A 228 -1.38 -22.28 11.74
C VAL A 228 -0.32 -21.19 11.73
N LEU A 229 -0.73 -19.94 11.55
CA LEU A 229 0.22 -18.81 11.39
C LEU A 229 0.91 -18.49 12.72
N GLN A 230 0.23 -18.66 13.85
CA GLN A 230 0.84 -18.45 15.20
C GLN A 230 1.88 -19.53 15.46
N GLY A 231 1.61 -20.76 15.03
CA GLY A 231 2.61 -21.84 14.94
C GLY A 231 3.89 -21.39 14.25
N GLN A 232 3.77 -20.80 13.07
CA GLN A 232 4.93 -20.30 12.29
C GLN A 232 5.61 -19.12 13.01
N ALA A 233 4.86 -18.12 13.49
CA ALA A 233 5.45 -16.99 14.23
C ALA A 233 6.14 -17.50 15.50
N GLY A 234 5.53 -18.46 16.19
CA GLY A 234 6.05 -19.10 17.42
C GLY A 234 7.43 -19.72 17.21
N GLN A 235 7.74 -20.20 16.00
CA GLN A 235 9.03 -20.85 15.66
C GLN A 235 10.11 -19.83 15.28
N THR A 236 9.81 -18.54 15.17
CA THR A 236 10.79 -17.53 14.70
C THR A 236 11.73 -17.17 15.86
N GLN A 237 12.95 -16.76 15.52
CA GLN A 237 13.96 -16.25 16.48
C GLN A 237 13.38 -14.99 17.15
N ASP A 238 12.62 -14.21 16.40
CA ASP A 238 12.00 -12.94 16.88
C ASP A 238 11.01 -13.22 18.00
N HIS A 239 10.20 -14.27 17.91
CA HIS A 239 9.28 -14.64 19.02
C HIS A 239 10.10 -14.91 20.28
N GLU A 240 11.19 -15.65 20.17
CA GLU A 240 12.03 -16.02 21.35
C GLU A 240 12.62 -14.72 21.92
N GLU A 241 13.15 -13.85 21.06
CA GLU A 241 13.63 -12.50 21.46
C GLU A 241 12.48 -11.73 22.14
N GLY A 242 11.28 -11.72 21.55
CA GLY A 242 10.16 -10.94 22.14
C GLY A 242 9.87 -11.37 23.57
N VAL A 243 9.95 -12.68 23.84
CA VAL A 243 9.64 -13.25 25.18
C VAL A 243 10.77 -12.86 26.17
N ARG A 244 12.03 -12.99 25.74
CA ARG A 244 13.18 -12.58 26.57
C ARG A 244 13.04 -11.09 26.95
N ALA A 245 12.77 -10.23 25.96
CA ALA A 245 12.67 -8.77 26.17
C ALA A 245 11.54 -8.43 27.15
N PHE A 246 10.41 -9.13 27.06
CA PHE A 246 9.30 -8.88 27.99
C PHE A 246 9.71 -9.32 29.40
N ARG A 247 10.24 -10.54 29.57
CA ARG A 247 10.67 -11.06 30.90
C ARG A 247 11.72 -10.14 31.55
N GLU A 248 12.63 -9.54 30.76
CA GLU A 248 13.72 -8.66 31.27
C GLU A 248 13.30 -7.19 31.30
N LYS A 249 12.10 -6.88 30.81
CA LYS A 249 11.51 -5.53 30.68
C LYS A 249 12.52 -4.62 29.97
N ARG A 250 12.95 -5.01 28.78
CA ARG A 250 13.82 -4.21 27.87
C ARG A 250 13.21 -4.22 26.48
N PRO A 251 13.63 -3.30 25.56
CA PRO A 251 13.19 -3.34 24.17
C PRO A 251 13.64 -4.61 23.46
N PRO A 252 12.76 -5.20 22.62
CA PRO A 252 13.18 -6.28 21.75
C PRO A 252 14.17 -5.81 20.66
N ARG A 253 15.09 -6.67 20.25
CA ARG A 253 15.95 -6.41 19.08
C ARG A 253 15.59 -7.41 18.00
N PHE A 254 14.62 -7.07 17.17
CA PHE A 254 14.09 -8.02 16.17
C PHE A 254 15.02 -8.04 14.96
N GLN A 255 15.01 -9.18 14.27
CA GLN A 255 15.92 -9.46 13.13
C GLN A 255 15.05 -9.75 11.89
N GLY A 256 13.75 -10.01 12.06
CA GLY A 256 12.89 -10.44 10.94
C GLY A 256 13.06 -11.90 10.55
N ARG A 257 13.24 -12.83 11.52
CA ARG A 257 13.35 -14.30 11.32
C ARG A 257 13.13 -15.02 12.67
O1 T3D B . -8.43 1.78 -18.47
C1 T3D B . -8.15 0.62 -18.06
O2 T3D B . -7.16 -0.10 -18.40
C2 T3D B . -9.06 0.05 -17.03
C3 T3D B . -8.38 0.57 -15.79
C4 T3D B . -8.65 2.01 -15.30
C5 T3D B . -7.96 2.42 -14.05
C6 T3D B . -8.20 3.93 -13.69
O3 T3D B . -7.36 4.45 -12.96
S1 T3D B . -9.62 4.87 -14.49
C7 T3D B . -9.51 6.44 -13.53
C8 T3D B . -8.41 7.14 -14.27
N1 T3D B . -8.15 8.44 -13.61
C9 T3D B . -8.94 9.51 -13.75
O4 T3D B . -10.09 9.43 -14.21
C10 T3D B . -8.40 10.83 -13.15
C11 T3D B . -8.59 11.85 -14.25
N2 T3D B . -8.02 13.15 -13.77
C12 T3D B . -8.62 13.97 -12.89
O5 T3D B . -9.78 13.81 -12.50
C13 T3D B . -7.80 15.21 -12.50
O6 T3D B . -6.78 15.46 -13.53
C14 T3D B . -7.09 15.03 -11.15
C15 T3D B . -6.24 13.71 -11.15
C16 T3D B . -8.06 14.96 -9.96
C17 T3D B . -6.10 16.18 -10.91
O7 T3D B . -6.72 17.50 -11.16
P1 T3D B . -5.70 18.68 -11.37
O8 T3D B . -6.48 19.95 -11.37
O9 T3D B . -4.59 18.49 -10.41
O10 T3D B . -5.05 18.48 -12.81
P2 T3D B . -5.82 18.60 -14.26
O11 T3D B . -5.86 20.06 -14.56
O12 T3D B . -7.07 17.86 -14.31
O13 T3D B . -4.76 17.86 -15.22
C18 T3D B . -3.48 18.40 -15.42
C19 T3D B . -2.88 17.59 -16.57
O14 T3D B . -2.68 16.10 -16.26
C20 T3D B . -3.78 17.63 -17.83
O15 T3D B . -2.95 17.58 -19.01
P3 T3D B . -2.58 18.89 -19.88
O16 T3D B . -1.68 19.60 -18.98
O17 T3D B . -1.97 18.38 -21.06
O18 T3D B . -3.90 19.49 -20.09
C21 T3D B . -4.51 16.25 -17.65
O19 T3D B . -5.13 15.68 -18.81
C22 T3D B . -3.41 15.35 -17.19
N3 T3D B . -3.98 14.21 -16.42
C23 T3D B . -4.61 14.16 -15.23
N4 T3D B . -5.04 12.92 -15.01
C24 T3D B . -4.64 12.17 -16.07
C25 T3D B . -4.04 12.99 -16.93
N5 T3D B . -3.63 12.57 -18.13
C26 T3D B . -3.73 11.28 -18.61
N6 T3D B . -4.39 10.46 -17.64
C27 T3D B . -4.77 10.89 -16.44
N7 T3D B . -5.34 10.02 -15.60
#